data_2GUP
#
_entry.id   2GUP
#
_cell.length_a   54.678
_cell.length_b   114.665
_cell.length_c   117.677
_cell.angle_alpha   90.00
_cell.angle_beta   90.00
_cell.angle_gamma   90.00
#
_symmetry.space_group_name_H-M   'C 2 2 21'
#
loop_
_entity.id
_entity.type
_entity.pdbx_description
1 polymer 'ROK family protein'
2 branched beta-D-fructofuranose-(2-1)-alpha-D-glucopyranose
3 non-polymer 2-AMINO-2-HYDROXYMETHYL-PROPANE-1,3-DIOL
4 water water
#
_entity_poly.entity_id   1
_entity_poly.type   'polypeptide(L)'
_entity_poly.pdbx_seq_one_letter_code
;SNA(MSE)TIATIDIGGTGIKFASLTPDGKILDKTSISTPENLEDLLAWLDQRLSEQDYSGIA(MSE)SVPGAVNQETGV
IDGFSAVPYIHGFSWYEALSSYQLPVHLENDANCVGLSELLAHPELENAACVVIGTGIGGA(MSE)IINGRLHRGRHGLG
GEFGY(MSE)TTLAPAEKLNNWSQLASTGN(MSE)VRYVIEKSGHTDWDGRKIYQEAAAGNILCQEAIER(MSE)NRNLA
QGLLNIQYLIDPGVISLGGSISQNPDFIQGVKKAVEDFVDAYEEYTVAPVIQACTYHADANLYGALVNWLQEEKQW
;
_entity_poly.pdbx_strand_id   A
#
loop_
_chem_comp.id
_chem_comp.type
_chem_comp.name
_chem_comp.formula
FRU D-saccharide, beta linking beta-D-fructofuranose 'C6 H12 O6'
GLC D-saccharide, alpha linking alpha-D-glucopyranose 'C6 H12 O6'
TRS non-polymer 2-AMINO-2-HYDROXYMETHYL-PROPANE-1,3-DIOL 'C4 H12 N O3 1'
#
# COMPACT_ATOMS: atom_id res chain seq x y z
N MSE A 4 24.52 9.03 9.21
CA MSE A 4 23.87 7.81 8.62
C MSE A 4 22.85 8.21 7.52
O MSE A 4 21.90 9.01 7.77
CB MSE A 4 23.16 6.97 9.67
CG MSE A 4 23.00 5.52 9.29
SE MSE A 4 22.18 4.34 10.67
CE MSE A 4 23.39 2.77 10.62
N THR A 5 23.06 7.67 6.33
CA THR A 5 22.11 7.79 5.22
C THR A 5 21.74 6.40 4.71
N ILE A 6 20.45 6.22 4.49
CA ILE A 6 19.93 4.99 3.90
C ILE A 6 19.53 5.16 2.45
N ALA A 7 20.16 4.32 1.60
CA ALA A 7 19.85 4.30 0.19
C ALA A 7 18.48 3.59 0.10
N THR A 8 17.48 4.35 -0.29
CA THR A 8 16.12 3.80 -0.21
C THR A 8 15.62 3.68 -1.61
N ILE A 9 15.04 2.52 -1.98
CA ILE A 9 14.66 2.19 -3.37
C ILE A 9 13.23 1.73 -3.50
N ASP A 10 12.48 2.32 -4.41
CA ASP A 10 11.04 1.84 -4.60
C ASP A 10 11.04 1.29 -6.00
N ILE A 11 10.77 0.01 -6.18
CA ILE A 11 10.67 -0.62 -7.53
C ILE A 11 9.20 -0.86 -7.84
N GLY A 12 8.72 -0.39 -8.99
CA GLY A 12 7.33 -0.63 -9.38
C GLY A 12 7.26 -0.68 -10.92
N GLY A 13 6.09 -1.04 -11.47
CA GLY A 13 5.86 -0.97 -12.95
C GLY A 13 5.94 0.47 -13.45
N THR A 14 5.58 1.44 -12.60
CA THR A 14 5.55 2.83 -13.05
C THR A 14 6.93 3.51 -13.05
N GLY A 15 8.00 2.82 -12.61
CA GLY A 15 9.34 3.47 -12.59
C GLY A 15 10.09 2.97 -11.35
N ILE A 16 11.34 3.39 -11.19
CA ILE A 16 12.18 3.01 -10.04
C ILE A 16 12.56 4.35 -9.43
N LYS A 17 12.46 4.50 -8.10
CA LYS A 17 12.85 5.70 -7.39
C LYS A 17 14.02 5.36 -6.52
N PHE A 18 14.93 6.30 -6.38
CA PHE A 18 16.00 6.10 -5.47
C PHE A 18 16.14 7.34 -4.64
N ALA A 19 16.21 7.22 -3.33
CA ALA A 19 16.21 8.45 -2.52
C ALA A 19 17.16 8.20 -1.35
N SER A 20 17.84 9.24 -0.90
CA SER A 20 18.68 9.11 0.30
C SER A 20 17.88 9.62 1.46
N LEU A 21 17.58 8.77 2.45
CA LEU A 21 16.82 9.15 3.62
C LEU A 21 17.66 9.16 4.91
N THR A 22 17.36 10.08 5.81
CA THR A 22 17.88 10.02 7.15
C THR A 22 17.04 9.04 7.93
N PRO A 23 17.59 8.55 9.06
CA PRO A 23 16.83 7.74 9.98
C PRO A 23 15.60 8.37 10.60
N ASP A 24 15.44 9.71 10.60
CA ASP A 24 14.16 10.36 10.97
C ASP A 24 13.12 10.40 9.86
N GLY A 25 13.50 9.93 8.68
CA GLY A 25 12.61 9.93 7.55
C GLY A 25 12.67 11.20 6.74
N LYS A 26 13.75 11.96 6.73
CA LYS A 26 13.81 13.09 5.81
C LYS A 26 14.36 12.67 4.44
N ILE A 27 13.65 12.92 3.31
CA ILE A 27 14.25 12.73 1.98
C ILE A 27 15.31 13.83 1.80
N LEU A 28 16.53 13.40 1.61
CA LEU A 28 17.70 14.27 1.36
C LEU A 28 17.98 14.53 -0.12
N ASP A 29 17.72 13.50 -0.94
CA ASP A 29 17.59 13.65 -2.40
C ASP A 29 16.78 12.49 -2.93
N LYS A 30 16.25 12.68 -4.11
CA LYS A 30 15.17 11.85 -4.68
C LYS A 30 15.46 11.88 -6.20
N THR A 31 15.58 10.71 -6.84
CA THR A 31 15.58 10.62 -8.31
C THR A 31 14.81 9.39 -8.83
N SER A 32 14.49 9.35 -10.11
CA SER A 32 13.73 8.24 -10.64
C SER A 32 14.10 7.96 -12.12
N ILE A 33 13.92 6.70 -12.51
CA ILE A 33 13.94 6.39 -13.95
C ILE A 33 12.72 5.56 -14.31
N SER A 34 12.48 5.49 -15.59
CA SER A 34 11.53 4.60 -16.16
C SER A 34 11.96 3.11 -15.83
N THR A 35 11.02 2.20 -15.59
CA THR A 35 11.44 0.79 -15.31
C THR A 35 12.32 0.25 -16.47
N PRO A 36 13.61 -0.19 -16.19
CA PRO A 36 14.49 -0.81 -17.22
C PRO A 36 13.90 -2.03 -17.84
N GLU A 37 14.42 -2.38 -18.98
CA GLU A 37 13.92 -3.56 -19.70
C GLU A 37 14.52 -4.83 -19.15
N ASN A 38 15.58 -4.75 -18.31
CA ASN A 38 16.20 -5.95 -17.85
C ASN A 38 16.95 -5.77 -16.53
N LEU A 39 17.12 -6.88 -15.87
CA LEU A 39 17.65 -6.81 -14.50
C LEU A 39 18.95 -6.13 -14.60
N GLU A 40 19.74 -6.49 -15.59
CA GLU A 40 21.14 -6.03 -15.77
C GLU A 40 21.24 -4.45 -15.87
N ASP A 41 20.35 -3.84 -16.66
CA ASP A 41 20.21 -2.34 -16.67
C ASP A 41 19.75 -1.73 -15.29
N LEU A 42 18.94 -2.44 -14.51
CA LEU A 42 18.51 -1.93 -13.19
C LEU A 42 19.70 -1.99 -12.20
N LEU A 43 20.43 -3.11 -12.16
CA LEU A 43 21.56 -3.27 -11.29
C LEU A 43 22.59 -2.23 -11.67
N ALA A 44 22.88 -1.97 -12.94
CA ALA A 44 23.86 -0.89 -13.26
C ALA A 44 23.40 0.54 -12.84
N TRP A 45 22.14 0.87 -13.10
CA TRP A 45 21.58 2.11 -12.51
C TRP A 45 21.77 2.14 -11.01
N LEU A 46 21.29 1.10 -10.29
CA LEU A 46 21.43 1.11 -8.88
C LEU A 46 22.90 1.25 -8.51
N ASP A 47 23.85 0.65 -9.27
CA ASP A 47 25.26 0.73 -8.86
C ASP A 47 25.70 2.20 -8.96
N GLN A 48 25.20 2.87 -9.98
CA GLN A 48 25.58 4.27 -10.20
C GLN A 48 25.13 5.17 -9.07
N ARG A 49 23.92 4.95 -8.57
CA ARG A 49 23.34 5.75 -7.47
C ARG A 49 24.03 5.48 -6.15
N LEU A 50 24.25 4.19 -5.88
CA LEU A 50 24.92 3.73 -4.64
C LEU A 50 26.34 4.21 -4.51
N SER A 51 26.99 4.46 -5.63
CA SER A 51 28.41 4.72 -5.72
C SER A 51 28.68 6.16 -5.35
N GLU A 52 27.64 6.95 -5.20
CA GLU A 52 27.88 8.35 -5.19
C GLU A 52 27.66 9.06 -3.87
N GLN A 53 27.34 8.32 -2.81
CA GLN A 53 27.35 8.75 -1.41
C GLN A 53 27.83 7.63 -0.51
N ASP A 54 28.17 7.93 0.73
CA ASP A 54 28.47 6.90 1.69
C ASP A 54 27.20 6.48 2.42
N TYR A 55 26.59 5.37 1.96
CA TYR A 55 25.37 4.84 2.55
C TYR A 55 25.71 3.89 3.70
N SER A 56 24.84 3.89 4.71
CA SER A 56 24.89 2.92 5.78
C SER A 56 23.97 1.71 5.67
N GLY A 57 23.12 1.64 4.62
CA GLY A 57 22.12 0.58 4.50
C GLY A 57 21.38 0.76 3.16
N ILE A 58 20.67 -0.27 2.79
CA ILE A 58 19.91 -0.28 1.56
C ILE A 58 18.55 -0.82 1.94
N ALA A 59 17.50 -0.02 1.78
CA ALA A 59 16.14 -0.42 2.15
C ALA A 59 15.28 -0.43 0.84
N MSE A 60 14.39 -1.40 0.58
CA MSE A 60 13.68 -1.47 -0.67
C MSE A 60 12.18 -1.80 -0.52
O MSE A 60 11.78 -2.62 0.28
CB MSE A 60 14.27 -2.57 -1.59
CG MSE A 60 15.77 -2.64 -1.60
SE MSE A 60 16.49 -3.99 -2.93
CE MSE A 60 15.19 -3.89 -4.48
N SER A 61 11.38 -1.17 -1.35
CA SER A 61 9.97 -1.46 -1.41
C SER A 61 9.86 -2.15 -2.70
N VAL A 62 9.28 -3.34 -2.70
CA VAL A 62 9.19 -4.10 -4.00
C VAL A 62 7.79 -4.68 -4.10
N PRO A 63 7.32 -4.94 -5.33
CA PRO A 63 6.06 -5.63 -5.50
C PRO A 63 6.35 -7.17 -5.26
N GLY A 64 5.36 -7.93 -4.95
CA GLY A 64 5.60 -9.35 -4.63
C GLY A 64 5.99 -9.68 -3.19
N ALA A 65 6.08 -10.98 -2.96
CA ALA A 65 6.16 -11.54 -1.60
C ALA A 65 7.60 -11.72 -1.26
N VAL A 66 8.15 -11.05 -0.25
CA VAL A 66 9.60 -11.21 0.09
C VAL A 66 9.79 -12.38 1.09
N ASN A 67 10.83 -13.17 0.90
CA ASN A 67 11.23 -14.17 1.85
C ASN A 67 12.34 -13.51 2.67
N GLN A 68 12.06 -13.14 3.90
CA GLN A 68 13.05 -12.43 4.68
C GLN A 68 14.36 -13.20 4.88
N GLU A 69 14.26 -14.52 4.93
CA GLU A 69 15.45 -15.34 5.11
C GLU A 69 16.27 -15.36 3.82
N THR A 70 15.64 -15.50 2.64
CA THR A 70 16.52 -15.62 1.49
C THR A 70 16.83 -14.32 0.72
N GLY A 71 15.98 -13.30 0.87
CA GLY A 71 16.13 -12.10 0.04
C GLY A 71 15.41 -12.25 -1.32
N VAL A 72 14.73 -13.37 -1.55
CA VAL A 72 14.07 -13.70 -2.79
C VAL A 72 12.69 -13.14 -2.74
N ILE A 73 12.24 -12.64 -3.90
CA ILE A 73 10.94 -12.07 -4.07
C ILE A 73 10.13 -13.09 -4.90
N ASP A 74 9.04 -13.59 -4.37
CA ASP A 74 8.38 -14.68 -5.02
C ASP A 74 7.15 -14.10 -5.67
N GLY A 75 6.32 -14.97 -6.20
CA GLY A 75 5.13 -14.50 -6.82
C GLY A 75 5.47 -13.83 -8.12
N PHE A 76 4.56 -12.93 -8.50
CA PHE A 76 4.52 -12.31 -9.77
C PHE A 76 4.27 -10.81 -9.55
N SER A 77 4.66 -10.04 -10.57
CA SER A 77 4.48 -8.59 -10.50
C SER A 77 4.65 -8.03 -11.87
N ALA A 78 4.54 -6.71 -11.97
CA ALA A 78 4.80 -5.93 -13.17
C ALA A 78 6.23 -5.85 -13.59
N VAL A 79 7.17 -6.20 -12.70
CA VAL A 79 8.57 -6.18 -13.07
C VAL A 79 9.10 -7.64 -12.91
N PRO A 80 8.79 -8.53 -13.90
CA PRO A 80 9.06 -10.00 -13.70
C PRO A 80 10.57 -10.35 -13.38
N TYR A 81 11.52 -9.63 -13.92
CA TYR A 81 13.00 -9.97 -13.74
C TYR A 81 13.60 -9.74 -12.41
N ILE A 82 12.83 -9.04 -11.55
CA ILE A 82 13.22 -8.90 -10.15
C ILE A 82 12.99 -10.21 -9.29
N HIS A 83 12.33 -11.22 -9.83
CA HIS A 83 11.94 -12.45 -9.06
C HIS A 83 12.93 -13.55 -9.30
N GLY A 84 12.96 -14.52 -8.40
CA GLY A 84 13.78 -15.69 -8.55
C GLY A 84 15.22 -15.66 -8.10
N PHE A 85 15.66 -14.63 -7.38
CA PHE A 85 17.06 -14.61 -6.86
C PHE A 85 17.11 -13.83 -5.60
N SER A 86 18.19 -14.00 -4.85
CA SER A 86 18.47 -13.34 -3.62
C SER A 86 18.99 -11.95 -3.91
N TRP A 87 18.26 -10.94 -3.47
CA TRP A 87 18.79 -9.58 -3.50
C TRP A 87 19.92 -9.41 -2.46
N TYR A 88 19.93 -10.28 -1.44
CA TYR A 88 21.11 -10.19 -0.45
C TYR A 88 22.38 -10.48 -1.19
N GLU A 89 22.37 -11.50 -2.06
CA GLU A 89 23.48 -11.84 -2.94
C GLU A 89 23.76 -10.74 -4.02
N ALA A 90 22.69 -10.36 -4.77
CA ALA A 90 22.82 -9.33 -5.83
C ALA A 90 23.49 -8.05 -5.33
N LEU A 91 23.31 -7.69 -4.07
CA LEU A 91 23.85 -6.43 -3.56
C LEU A 91 25.02 -6.64 -2.59
N SER A 92 25.60 -7.83 -2.55
CA SER A 92 26.54 -8.15 -1.44
C SER A 92 27.79 -7.30 -1.45
N SER A 93 28.16 -6.85 -2.62
CA SER A 93 29.41 -6.17 -2.76
C SER A 93 29.45 -4.79 -2.08
N TYR A 94 28.28 -4.21 -1.77
CA TYR A 94 28.25 -2.93 -1.06
C TYR A 94 28.51 -3.17 0.40
N GLN A 95 28.34 -4.41 0.83
CA GLN A 95 28.65 -4.75 2.20
C GLN A 95 27.85 -3.87 3.16
N LEU A 96 26.58 -3.71 2.81
CA LEU A 96 25.65 -2.92 3.62
C LEU A 96 24.53 -3.86 3.99
N PRO A 97 23.92 -3.67 5.18
CA PRO A 97 22.65 -4.34 5.49
C PRO A 97 21.55 -4.00 4.48
N VAL A 98 20.91 -5.03 3.98
CA VAL A 98 19.91 -4.91 2.92
C VAL A 98 18.57 -5.46 3.48
N HIS A 99 17.48 -4.67 3.43
CA HIS A 99 16.19 -5.22 3.76
C HIS A 99 15.19 -4.92 2.66
N LEU A 100 14.23 -5.76 2.43
CA LEU A 100 13.24 -5.47 1.40
C LEU A 100 11.92 -5.78 1.99
N GLU A 101 10.85 -5.13 1.46
CA GLU A 101 9.56 -5.45 1.99
C GLU A 101 8.57 -5.18 0.86
N ASN A 102 7.46 -5.84 0.92
CA ASN A 102 6.43 -5.69 -0.06
C ASN A 102 5.81 -4.30 0.03
N ASP A 103 5.37 -3.73 -1.11
CA ASP A 103 4.98 -2.34 -1.13
C ASP A 103 3.82 -1.95 -0.21
N ALA A 104 2.79 -2.81 -0.12
CA ALA A 104 1.63 -2.45 0.73
C ALA A 104 2.06 -2.49 2.21
N ASN A 105 2.93 -3.43 2.57
CA ASN A 105 3.48 -3.43 3.93
C ASN A 105 4.30 -2.16 4.27
N CYS A 106 5.15 -1.76 3.35
CA CYS A 106 5.78 -0.44 3.39
C CYS A 106 4.80 0.70 3.65
N VAL A 107 3.75 0.83 2.86
CA VAL A 107 2.79 1.87 3.13
C VAL A 107 2.29 1.83 4.57
N GLY A 108 1.91 0.63 5.08
CA GLY A 108 1.54 0.47 6.47
C GLY A 108 2.64 0.96 7.45
N LEU A 109 3.86 0.56 7.20
CA LEU A 109 4.92 0.99 8.11
C LEU A 109 5.18 2.52 8.05
N SER A 110 5.01 3.14 6.86
CA SER A 110 5.15 4.61 6.77
C SER A 110 4.28 5.33 7.84
N GLU A 111 3.15 4.73 8.21
CA GLU A 111 2.32 5.38 9.25
C GLU A 111 3.02 5.48 10.61
N LEU A 112 4.06 4.66 10.88
CA LEU A 112 4.84 4.74 12.14
C LEU A 112 5.74 5.95 12.23
N LEU A 113 6.18 6.40 11.09
CA LEU A 113 6.84 7.65 11.00
C LEU A 113 5.91 8.78 11.36
N ALA A 114 4.71 8.81 10.74
CA ALA A 114 3.73 9.82 11.09
C ALA A 114 3.19 9.70 12.53
N HIS A 115 3.05 8.48 13.06
CA HIS A 115 2.34 8.17 14.33
C HIS A 115 3.11 7.14 15.13
N PRO A 116 4.24 7.53 15.73
CA PRO A 116 5.17 6.54 16.27
C PRO A 116 4.61 5.72 17.46
N GLU A 117 3.44 6.12 17.95
CA GLU A 117 2.80 5.48 19.09
C GLU A 117 1.86 4.35 18.67
N LEU A 118 1.73 4.06 17.39
CA LEU A 118 0.81 3.02 16.97
C LEU A 118 1.35 1.71 17.48
N GLU A 119 0.45 0.92 18.05
CA GLU A 119 0.68 -0.41 18.53
C GLU A 119 0.00 -1.42 17.58
N ASN A 120 -1.32 -1.33 17.49
CA ASN A 120 -2.09 -2.17 16.59
C ASN A 120 -2.85 -1.33 15.57
N ALA A 121 -2.58 -1.56 14.30
CA ALA A 121 -3.08 -0.78 13.22
C ALA A 121 -3.32 -1.64 12.00
N ALA A 122 -4.31 -1.31 11.19
CA ALA A 122 -4.49 -1.95 9.90
C ALA A 122 -4.33 -0.82 8.85
N CYS A 123 -3.82 -1.17 7.69
CA CYS A 123 -3.68 -0.20 6.61
C CYS A 123 -4.34 -0.83 5.36
N VAL A 124 -5.19 -0.10 4.69
CA VAL A 124 -5.90 -0.71 3.52
C VAL A 124 -5.49 0.22 2.40
N VAL A 125 -4.74 -0.31 1.41
CA VAL A 125 -4.19 0.46 0.27
C VAL A 125 -5.11 0.28 -0.87
N ILE A 126 -5.79 1.38 -1.23
CA ILE A 126 -6.86 1.28 -2.23
C ILE A 126 -6.34 1.75 -3.60
N GLY A 127 -6.19 0.83 -4.54
CA GLY A 127 -5.80 1.24 -5.91
C GLY A 127 -6.67 0.53 -6.93
N THR A 128 -6.04 -0.06 -7.94
CA THR A 128 -6.74 -0.93 -8.87
C THR A 128 -7.38 -2.16 -8.15
N GLY A 129 -6.64 -2.75 -7.21
CA GLY A 129 -7.19 -3.64 -6.22
C GLY A 129 -6.92 -3.11 -4.83
N ILE A 130 -6.98 -4.01 -3.86
CA ILE A 130 -6.91 -3.67 -2.45
C ILE A 130 -5.79 -4.55 -1.84
N GLY A 131 -4.81 -3.89 -1.29
CA GLY A 131 -3.75 -4.59 -0.55
C GLY A 131 -3.77 -4.06 0.88
N GLY A 132 -3.02 -4.70 1.76
CA GLY A 132 -3.01 -4.17 3.09
C GLY A 132 -1.83 -4.61 3.92
N ALA A 133 -1.86 -4.17 5.15
CA ALA A 133 -0.89 -4.53 6.10
C ALA A 133 -1.47 -4.51 7.50
N MSE A 134 -0.98 -5.38 8.35
CA MSE A 134 -1.17 -5.27 9.83
C MSE A 134 0.07 -4.96 10.65
O MSE A 134 1.06 -5.61 10.50
CB MSE A 134 -1.67 -6.63 10.33
CG MSE A 134 -3.05 -6.91 9.82
SE MSE A 134 -3.56 -8.78 10.07
CE MSE A 134 -3.27 -8.97 11.96
N ILE A 135 -0.04 -4.04 11.61
CA ILE A 135 0.95 -3.81 12.64
C ILE A 135 0.37 -4.40 13.99
N ILE A 136 1.14 -5.25 14.64
CA ILE A 136 0.73 -5.82 15.94
C ILE A 136 1.93 -5.53 16.88
N ASN A 137 1.60 -5.03 18.07
CA ASN A 137 2.57 -4.41 18.97
C ASN A 137 3.70 -3.71 18.28
N GLY A 138 3.40 -2.72 17.42
CA GLY A 138 4.46 -1.85 16.82
C GLY A 138 5.27 -2.47 15.69
N ARG A 139 4.99 -3.74 15.37
CA ARG A 139 5.67 -4.43 14.25
C ARG A 139 4.78 -4.95 13.15
N LEU A 140 5.39 -5.12 11.98
CA LEU A 140 4.68 -5.72 10.88
C LEU A 140 4.32 -7.15 11.26
N HIS A 141 3.07 -7.58 10.99
CA HIS A 141 2.65 -8.94 11.08
C HIS A 141 2.65 -9.50 9.68
N ARG A 142 3.54 -10.44 9.42
CA ARG A 142 3.63 -10.99 8.04
C ARG A 142 2.77 -12.26 7.80
N GLY A 143 2.68 -13.11 8.81
CA GLY A 143 1.96 -14.40 8.76
C GLY A 143 2.78 -15.58 8.20
N ARG A 144 2.45 -16.80 8.59
CA ARG A 144 3.07 -18.04 8.02
C ARG A 144 3.57 -18.02 6.54
N HIS A 145 2.81 -17.44 5.63
CA HIS A 145 3.09 -17.44 4.18
C HIS A 145 3.20 -16.02 3.60
N GLY A 146 3.70 -15.06 4.40
CA GLY A 146 3.65 -13.63 4.08
C GLY A 146 2.31 -13.18 3.50
N LEU A 147 1.20 -13.69 3.99
CA LEU A 147 -0.10 -13.20 3.52
C LEU A 147 -0.81 -12.29 4.55
N GLY A 148 -0.13 -11.86 5.62
CA GLY A 148 -0.77 -11.01 6.62
C GLY A 148 -1.39 -9.82 5.90
N GLY A 149 -2.65 -9.53 6.16
CA GLY A 149 -3.24 -8.24 5.80
C GLY A 149 -3.59 -8.16 4.33
N GLU A 150 -3.78 -9.31 3.69
CA GLU A 150 -4.25 -9.32 2.31
C GLU A 150 -5.75 -9.15 2.36
N PHE A 151 -6.17 -7.96 2.83
CA PHE A 151 -7.61 -7.73 2.99
C PHE A 151 -8.35 -7.79 1.67
N GLY A 152 -7.67 -7.54 0.55
CA GLY A 152 -8.41 -7.65 -0.79
C GLY A 152 -8.91 -9.03 -1.10
N TYR A 153 -8.43 -10.02 -0.37
CA TYR A 153 -8.96 -11.39 -0.61
C TYR A 153 -10.27 -11.70 0.13
N MSE A 154 -10.70 -10.83 1.02
CA MSE A 154 -11.90 -11.05 1.82
C MSE A 154 -13.21 -11.07 0.99
O MSE A 154 -13.51 -10.13 0.30
CB MSE A 154 -12.02 -9.95 2.85
CG MSE A 154 -13.23 -10.04 3.67
SE MSE A 154 -13.21 -8.69 5.16
CE MSE A 154 -12.63 -7.03 4.19
N THR A 155 -13.95 -12.14 1.05
CA THR A 155 -15.22 -12.22 0.30
C THR A 155 -16.38 -11.70 1.17
N THR A 156 -16.99 -10.65 0.71
CA THR A 156 -18.09 -9.98 1.43
C THR A 156 -19.41 -10.28 0.76
N LEU A 157 -19.37 -11.12 -0.26
CA LEU A 157 -20.61 -11.69 -0.85
C LEU A 157 -20.25 -13.13 -0.97
N ALA A 158 -21.24 -13.99 -1.16
CA ALA A 158 -21.02 -15.36 -1.52
C ALA A 158 -20.29 -15.44 -2.87
N PRO A 159 -19.18 -16.20 -2.95
CA PRO A 159 -18.61 -16.48 -4.25
C PRO A 159 -19.63 -17.14 -5.20
N ALA A 160 -19.53 -16.80 -6.49
CA ALA A 160 -20.41 -17.34 -7.51
C ALA A 160 -19.59 -17.45 -8.80
N GLU A 161 -20.09 -16.84 -9.86
CA GLU A 161 -19.36 -16.83 -11.10
C GLU A 161 -18.03 -16.19 -10.82
N LYS A 162 -18.05 -15.11 -10.02
CA LYS A 162 -16.84 -14.40 -9.62
C LYS A 162 -16.59 -14.64 -8.13
N LEU A 163 -15.35 -14.45 -7.70
CA LEU A 163 -15.01 -14.71 -6.36
C LEU A 163 -15.76 -13.73 -5.45
N ASN A 164 -16.04 -12.53 -5.95
CA ASN A 164 -16.62 -11.51 -5.11
C ASN A 164 -15.76 -11.15 -3.87
N ASN A 165 -14.42 -11.19 -4.01
CA ASN A 165 -13.49 -10.66 -2.99
C ASN A 165 -13.54 -9.13 -2.94
N TRP A 166 -13.16 -8.57 -1.77
CA TRP A 166 -13.17 -7.14 -1.54
C TRP A 166 -12.50 -6.31 -2.63
N SER A 167 -11.34 -6.72 -3.12
CA SER A 167 -10.60 -6.00 -4.22
C SER A 167 -11.51 -5.77 -5.42
N GLN A 168 -12.28 -6.81 -5.75
CA GLN A 168 -13.27 -6.74 -6.82
C GLN A 168 -14.44 -5.80 -6.55
N LEU A 169 -14.85 -5.62 -5.31
CA LEU A 169 -16.07 -4.90 -5.10
C LEU A 169 -15.83 -3.51 -4.62
N ALA A 170 -14.66 -3.27 -4.02
CA ALA A 170 -14.50 -2.03 -3.28
C ALA A 170 -13.34 -1.16 -3.76
N SER A 171 -12.66 -1.54 -4.82
CA SER A 171 -11.41 -0.79 -5.19
C SER A 171 -11.67 0.44 -6.05
N THR A 172 -10.67 1.33 -6.16
CA THR A 172 -10.80 2.45 -7.06
C THR A 172 -10.94 1.92 -8.54
N GLY A 173 -10.16 0.90 -8.88
CA GLY A 173 -10.13 0.31 -10.26
C GLY A 173 -11.47 -0.25 -10.65
N ASN A 174 -12.15 -0.81 -9.67
CA ASN A 174 -13.41 -1.38 -9.99
C ASN A 174 -14.57 -0.37 -10.01
N MSE A 175 -14.41 0.74 -9.27
CA MSE A 175 -15.30 1.90 -9.41
C MSE A 175 -15.12 2.54 -10.82
O MSE A 175 -16.14 2.87 -11.50
CB MSE A 175 -15.04 2.96 -8.33
CG MSE A 175 -16.11 4.12 -8.35
SE MSE A 175 -15.81 5.54 -7.11
CE MSE A 175 -14.32 6.43 -7.99
N VAL A 176 -13.86 2.74 -11.23
CA VAL A 176 -13.51 3.22 -12.60
C VAL A 176 -14.11 2.24 -13.65
N ARG A 177 -13.88 0.93 -13.49
CA ARG A 177 -14.32 -0.06 -14.47
C ARG A 177 -15.85 0.00 -14.64
N TYR A 178 -16.57 0.30 -13.58
CA TYR A 178 -18.05 0.40 -13.59
C TYR A 178 -18.58 1.67 -14.28
N VAL A 179 -17.99 2.81 -14.00
CA VAL A 179 -18.36 4.02 -14.72
C VAL A 179 -17.92 3.88 -16.21
N ILE A 180 -16.77 3.27 -16.49
CA ILE A 180 -16.38 3.07 -17.89
C ILE A 180 -17.47 2.27 -18.62
N GLU A 181 -17.90 1.14 -18.04
CA GLU A 181 -18.93 0.27 -18.65
C GLU A 181 -20.29 0.92 -18.89
N LYS A 182 -20.73 1.78 -18.02
CA LYS A 182 -22.05 2.40 -18.19
C LYS A 182 -21.96 3.74 -18.96
N SER A 183 -20.92 4.54 -18.72
CA SER A 183 -20.75 5.78 -19.49
C SER A 183 -20.50 5.46 -20.98
N GLY A 184 -20.03 4.26 -21.27
CA GLY A 184 -19.67 3.87 -22.64
C GLY A 184 -18.31 4.35 -23.15
N HIS A 185 -17.53 5.02 -22.31
CA HIS A 185 -16.20 5.42 -22.71
C HIS A 185 -15.15 5.38 -21.58
N THR A 186 -13.88 5.45 -21.93
CA THR A 186 -12.80 5.12 -20.99
C THR A 186 -12.06 6.33 -20.43
N ASP A 187 -12.58 7.53 -20.66
CA ASP A 187 -11.86 8.73 -20.20
C ASP A 187 -12.39 9.02 -18.79
N TRP A 188 -11.93 8.20 -17.83
CA TRP A 188 -12.34 8.34 -16.40
C TRP A 188 -11.16 7.99 -15.51
N ASP A 189 -11.14 8.62 -14.35
CA ASP A 189 -10.41 8.08 -13.26
C ASP A 189 -11.14 8.43 -11.97
N GLY A 190 -10.58 8.02 -10.84
CA GLY A 190 -11.27 8.24 -9.57
C GLY A 190 -11.47 9.71 -9.34
N ARG A 191 -10.47 10.49 -9.64
CA ARG A 191 -10.59 11.91 -9.37
C ARG A 191 -11.64 12.62 -10.23
N LYS A 192 -11.78 12.17 -11.48
CA LYS A 192 -12.86 12.71 -12.35
C LYS A 192 -14.26 12.27 -11.96
N ILE A 193 -14.36 11.01 -11.51
CA ILE A 193 -15.61 10.54 -11.02
C ILE A 193 -16.15 11.44 -9.90
N TYR A 194 -15.24 11.83 -9.00
CA TYR A 194 -15.60 12.75 -7.96
C TYR A 194 -16.09 14.15 -8.48
N GLN A 195 -15.42 14.69 -9.49
CA GLN A 195 -15.80 16.04 -9.99
C GLN A 195 -17.17 15.97 -10.65
N GLU A 196 -17.37 14.95 -11.48
CA GLU A 196 -18.60 14.79 -12.17
C GLU A 196 -19.77 14.53 -11.23
N ALA A 197 -19.56 13.75 -10.14
CA ALA A 197 -20.62 13.49 -9.16
C ALA A 197 -20.98 14.80 -8.47
N ALA A 198 -19.96 15.59 -8.19
CA ALA A 198 -20.18 16.87 -7.58
C ALA A 198 -21.02 17.81 -8.53
N ALA A 199 -20.93 17.58 -9.84
CA ALA A 199 -21.54 18.44 -10.87
C ALA A 199 -22.99 18.00 -11.19
N GLY A 200 -23.44 16.97 -10.50
CA GLY A 200 -24.76 16.50 -10.77
C GLY A 200 -24.77 15.09 -11.32
N ASN A 201 -23.68 14.62 -11.91
CA ASN A 201 -23.67 13.32 -12.66
C ASN A 201 -24.09 12.12 -11.85
N ILE A 202 -25.27 11.59 -12.14
CA ILE A 202 -25.90 10.56 -11.34
C ILE A 202 -25.11 9.23 -11.27
N LEU A 203 -24.54 8.78 -12.39
CA LEU A 203 -23.89 7.49 -12.43
C LEU A 203 -22.58 7.47 -11.59
N CYS A 204 -21.87 8.57 -11.54
CA CYS A 204 -20.75 8.79 -10.70
C CYS A 204 -21.16 8.81 -9.24
N GLN A 205 -22.23 9.55 -8.90
CA GLN A 205 -22.79 9.53 -7.54
C GLN A 205 -23.00 8.12 -7.00
N GLU A 206 -23.56 7.30 -7.85
CA GLU A 206 -23.83 5.90 -7.54
C GLU A 206 -22.63 4.99 -7.49
N ALA A 207 -21.68 5.15 -8.42
CA ALA A 207 -20.40 4.45 -8.35
C ALA A 207 -19.75 4.73 -6.99
N ILE A 208 -19.77 5.97 -6.58
CA ILE A 208 -19.16 6.38 -5.30
C ILE A 208 -19.86 5.76 -4.08
N GLU A 209 -21.17 5.65 -4.17
CA GLU A 209 -22.02 5.18 -3.05
C GLU A 209 -21.83 3.71 -2.88
N ARG A 210 -21.67 2.99 -3.98
CA ARG A 210 -21.44 1.56 -3.93
C ARG A 210 -20.03 1.32 -3.38
N MSE A 211 -19.11 2.18 -3.78
CA MSE A 211 -17.71 2.00 -3.41
C MSE A 211 -17.60 2.16 -1.92
O MSE A 211 -17.11 1.26 -1.25
CB MSE A 211 -16.76 2.96 -4.11
CG MSE A 211 -15.34 2.69 -3.63
SE MSE A 211 -14.06 3.73 -4.64
CE MSE A 211 -12.43 3.39 -3.54
N ASN A 212 -18.09 3.27 -1.40
CA ASN A 212 -18.03 3.60 0.02
C ASN A 212 -18.78 2.57 0.90
N ARG A 213 -19.91 2.08 0.41
CA ARG A 213 -20.71 1.13 1.16
C ARG A 213 -19.99 -0.28 1.25
N ASN A 214 -19.32 -0.71 0.17
CA ASN A 214 -18.57 -1.92 0.15
C ASN A 214 -17.30 -1.79 0.99
N LEU A 215 -16.63 -0.64 0.93
CA LEU A 215 -15.51 -0.38 1.83
C LEU A 215 -15.98 -0.44 3.30
N ALA A 216 -17.06 0.25 3.64
CA ALA A 216 -17.52 0.31 5.04
C ALA A 216 -17.85 -1.09 5.60
N GLN A 217 -18.30 -2.01 4.76
CA GLN A 217 -18.72 -3.30 5.20
C GLN A 217 -17.47 -4.10 5.52
N GLY A 218 -16.52 -3.96 4.63
CA GLY A 218 -15.29 -4.69 4.79
C GLY A 218 -14.48 -4.04 5.95
N LEU A 219 -14.50 -2.76 6.16
CA LEU A 219 -13.71 -2.09 7.30
C LEU A 219 -14.18 -2.46 8.75
N LEU A 220 -15.49 -2.59 8.92
CA LEU A 220 -16.10 -3.20 10.09
C LEU A 220 -15.70 -4.66 10.26
N ASN A 221 -15.48 -5.43 9.21
CA ASN A 221 -14.97 -6.76 9.39
C ASN A 221 -13.58 -6.75 10.00
N ILE A 222 -12.76 -5.86 9.52
CA ILE A 222 -11.35 -5.76 9.92
C ILE A 222 -11.39 -5.38 11.40
N GLN A 223 -12.16 -4.37 11.79
CA GLN A 223 -12.32 -3.90 13.15
C GLN A 223 -12.73 -5.03 14.06
N TYR A 224 -13.75 -5.79 13.67
CA TYR A 224 -14.15 -6.89 14.57
C TYR A 224 -13.31 -8.12 14.46
N LEU A 225 -12.48 -8.27 13.45
CA LEU A 225 -11.64 -9.45 13.41
C LEU A 225 -10.28 -9.27 14.03
N ILE A 226 -9.65 -8.13 13.80
CA ILE A 226 -8.27 -7.93 14.42
C ILE A 226 -8.22 -6.83 15.46
N ASP A 227 -9.29 -6.04 15.48
CA ASP A 227 -9.53 -4.98 16.43
C ASP A 227 -8.27 -4.04 16.58
N PRO A 228 -7.92 -3.30 15.49
CA PRO A 228 -6.85 -2.37 15.47
C PRO A 228 -7.24 -1.05 16.25
N GLY A 229 -6.25 -0.32 16.80
CA GLY A 229 -6.54 1.05 17.31
C GLY A 229 -7.01 2.02 16.22
N VAL A 230 -6.47 1.89 15.00
CA VAL A 230 -6.86 2.76 13.88
C VAL A 230 -6.83 1.99 12.56
N ILE A 231 -7.70 2.31 11.59
CA ILE A 231 -7.46 1.82 10.23
C ILE A 231 -7.09 3.04 9.32
N SER A 232 -5.88 3.02 8.74
CA SER A 232 -5.44 4.01 7.76
C SER A 232 -5.74 3.57 6.35
N LEU A 233 -6.23 4.51 5.57
CA LEU A 233 -6.54 4.23 4.19
C LEU A 233 -5.45 4.90 3.34
N GLY A 234 -4.89 4.13 2.43
CA GLY A 234 -3.81 4.63 1.55
C GLY A 234 -4.24 4.42 0.10
N GLY A 235 -3.31 4.72 -0.80
CA GLY A 235 -3.55 4.73 -2.21
C GLY A 235 -4.02 6.15 -2.59
N SER A 236 -3.98 6.42 -3.88
CA SER A 236 -4.31 7.73 -4.40
C SER A 236 -5.67 8.30 -3.91
N ILE A 237 -6.69 7.50 -3.90
CA ILE A 237 -8.02 8.04 -3.55
C ILE A 237 -8.11 8.49 -2.07
N SER A 238 -7.30 7.89 -1.22
CA SER A 238 -7.37 8.25 0.22
C SER A 238 -6.83 9.66 0.49
N GLN A 239 -6.03 10.16 -0.45
CA GLN A 239 -5.59 11.53 -0.49
C GLN A 239 -6.68 12.61 -0.78
N ASN A 240 -7.90 12.16 -0.99
CA ASN A 240 -9.01 13.10 -1.18
C ASN A 240 -9.94 13.09 0.03
N PRO A 241 -10.07 14.23 0.72
CA PRO A 241 -10.83 14.30 2.01
C PRO A 241 -12.31 14.04 1.91
N ASP A 242 -12.84 14.27 0.72
CA ASP A 242 -14.20 13.91 0.39
C ASP A 242 -14.43 12.41 0.35
N PHE A 243 -13.53 11.65 -0.27
CA PHE A 243 -13.54 10.20 -0.11
C PHE A 243 -13.45 9.82 1.37
N ILE A 244 -12.51 10.39 2.13
CA ILE A 244 -12.41 9.89 3.47
C ILE A 244 -13.74 10.16 4.24
N GLN A 245 -14.31 11.34 4.02
CA GLN A 245 -15.52 11.68 4.83
C GLN A 245 -16.67 10.79 4.43
N GLY A 246 -16.73 10.44 3.16
CA GLY A 246 -17.82 9.61 2.63
C GLY A 246 -17.70 8.21 3.22
N VAL A 247 -16.46 7.68 3.36
CA VAL A 247 -16.29 6.31 3.91
C VAL A 247 -16.72 6.31 5.36
N LYS A 248 -16.40 7.35 6.12
CA LYS A 248 -16.71 7.38 7.55
C LYS A 248 -18.20 7.46 7.79
N LYS A 249 -18.86 8.26 6.96
CA LYS A 249 -20.28 8.38 7.07
C LYS A 249 -20.88 7.04 6.72
N ALA A 250 -20.31 6.29 5.76
CA ALA A 250 -20.89 4.98 5.36
C ALA A 250 -20.78 3.90 6.46
N VAL A 251 -19.67 3.97 7.21
CA VAL A 251 -19.46 3.16 8.35
C VAL A 251 -20.46 3.54 9.45
N GLU A 252 -20.60 4.83 9.74
CA GLU A 252 -21.57 5.29 10.74
C GLU A 252 -22.98 4.77 10.39
N ASP A 253 -23.29 4.67 9.11
CA ASP A 253 -24.62 4.23 8.74
C ASP A 253 -24.89 2.75 9.00
N PHE A 254 -23.86 1.89 8.81
CA PHE A 254 -23.93 0.47 9.23
C PHE A 254 -24.08 0.27 10.73
N VAL A 255 -23.26 1.00 11.49
CA VAL A 255 -23.29 0.97 12.92
C VAL A 255 -24.70 1.34 13.47
N ASP A 256 -25.26 2.44 12.97
CA ASP A 256 -26.58 2.89 13.44
C ASP A 256 -27.63 1.91 13.06
N ALA A 257 -27.49 1.23 11.94
CA ALA A 257 -28.49 0.27 11.51
C ALA A 257 -28.44 -1.11 12.19
N TYR A 258 -27.28 -1.54 12.68
CA TYR A 258 -27.25 -2.90 13.20
C TYR A 258 -26.87 -2.83 14.65
N GLU A 259 -27.76 -3.36 15.50
CA GLU A 259 -27.64 -3.23 16.96
C GLU A 259 -26.42 -4.04 17.43
N GLU A 260 -26.16 -5.12 16.70
CA GLU A 260 -24.90 -5.85 16.76
C GLU A 260 -23.62 -4.99 16.86
N TYR A 261 -23.50 -3.89 16.08
CA TYR A 261 -22.34 -2.99 16.15
C TYR A 261 -22.30 -1.98 17.29
N THR A 262 -21.20 -2.01 18.03
CA THR A 262 -21.05 -1.09 19.13
C THR A 262 -19.93 -0.09 18.79
N VAL A 263 -18.67 -0.57 18.85
CA VAL A 263 -17.49 0.24 18.50
C VAL A 263 -17.52 0.56 16.98
N ALA A 264 -17.21 1.78 16.57
CA ALA A 264 -16.88 2.04 15.11
C ALA A 264 -15.36 2.12 14.91
N PRO A 265 -14.84 1.63 13.79
CA PRO A 265 -13.39 1.81 13.56
C PRO A 265 -12.99 3.28 13.58
N VAL A 266 -11.84 3.67 14.15
CA VAL A 266 -11.26 4.94 13.80
C VAL A 266 -10.54 4.83 12.44
N ILE A 267 -10.96 5.67 11.49
CA ILE A 267 -10.49 5.67 10.09
C ILE A 267 -9.76 6.97 9.82
N GLN A 268 -8.64 6.91 9.12
CA GLN A 268 -8.01 8.16 8.74
C GLN A 268 -7.29 7.94 7.45
N ALA A 269 -7.03 9.01 6.69
CA ALA A 269 -6.17 8.89 5.54
C ALA A 269 -4.75 8.60 5.96
N CYS A 270 -4.13 7.73 5.22
CA CYS A 270 -2.64 7.67 5.25
C CYS A 270 -1.94 9.06 5.17
N THR A 271 -0.86 9.24 5.93
CA THR A 271 -0.11 10.48 5.80
C THR A 271 0.58 10.64 4.51
N TYR A 272 1.14 9.53 4.03
CA TYR A 272 1.90 9.66 2.83
C TYR A 272 1.26 8.95 1.70
N HIS A 273 1.69 9.28 0.49
CA HIS A 273 1.26 8.51 -0.71
C HIS A 273 2.33 8.43 -1.75
N ALA A 274 2.70 9.56 -2.32
CA ALA A 274 3.62 9.55 -3.41
C ALA A 274 4.97 8.94 -2.94
N ASP A 275 5.39 9.22 -1.69
CA ASP A 275 6.70 8.69 -1.24
C ASP A 275 6.49 7.67 -0.11
N ALA A 276 5.27 7.20 -0.01
CA ALA A 276 4.98 6.26 1.13
C ALA A 276 5.85 5.01 1.12
N ASN A 277 6.16 4.46 -0.08
CA ASN A 277 7.02 3.23 -0.14
C ASN A 277 8.48 3.56 0.36
N LEU A 278 8.95 4.75 0.05
CA LEU A 278 10.32 5.13 0.49
C LEU A 278 10.34 5.15 2.01
N TYR A 279 9.44 5.93 2.62
CA TYR A 279 9.33 6.06 4.06
C TYR A 279 9.10 4.76 4.72
N GLY A 280 8.18 3.96 4.18
CA GLY A 280 7.97 2.62 4.79
C GLY A 280 9.08 1.63 4.62
N ALA A 281 9.77 1.65 3.47
CA ALA A 281 10.92 0.78 3.29
C ALA A 281 12.04 1.20 4.33
N LEU A 282 12.22 2.50 4.55
CA LEU A 282 13.09 3.03 5.57
C LEU A 282 12.73 2.50 6.93
N VAL A 283 11.48 2.67 7.35
CA VAL A 283 11.07 2.21 8.67
C VAL A 283 11.21 0.68 8.78
N ASN A 284 11.05 -0.06 7.69
CA ASN A 284 11.27 -1.52 7.74
C ASN A 284 12.74 -1.81 8.02
N TRP A 285 13.63 -1.07 7.36
CA TRP A 285 15.05 -1.26 7.57
C TRP A 285 15.41 -1.04 9.02
N LEU A 286 14.95 0.07 9.60
CA LEU A 286 15.27 0.44 10.98
C LEU A 286 14.72 -0.59 11.93
N GLN A 287 13.52 -1.07 11.71
CA GLN A 287 13.09 -2.12 12.63
C GLN A 287 13.86 -3.43 12.57
N GLU A 288 14.24 -3.86 11.39
CA GLU A 288 14.95 -5.12 11.24
C GLU A 288 16.39 -4.99 11.76
N GLU A 289 16.94 -3.78 11.73
CA GLU A 289 18.26 -3.51 12.28
C GLU A 289 18.17 -3.09 13.75
N LYS A 290 16.96 -3.07 14.32
CA LYS A 290 16.79 -2.66 15.73
C LYS A 290 17.41 -1.27 16.00
N GLN A 291 17.24 -0.32 15.06
CA GLN A 291 17.53 1.08 15.37
C GLN A 291 16.28 1.93 15.34
N TRP A 292 15.16 1.33 15.70
CA TRP A 292 13.88 2.00 15.58
C TRP A 292 13.42 2.50 16.97
C1 GLC B . 2.86 4.13 -6.48
C2 GLC B . 4.16 4.93 -6.33
C3 GLC B . 3.78 6.40 -6.03
C4 GLC B . 2.95 6.93 -7.24
C5 GLC B . 1.81 5.97 -7.66
C6 GLC B . 1.22 6.38 -9.02
O2 GLC B . 4.97 4.31 -5.37
O3 GLC B . 4.93 7.21 -5.84
O4 GLC B . 2.51 8.27 -7.03
O5 GLC B . 2.24 4.59 -7.71
O6 GLC B . -0.03 6.97 -8.73
C1 FRU B . 0.21 2.79 -6.33
C2 FRU B . 1.08 3.13 -5.11
C3 FRU B . 1.87 1.90 -4.56
C4 FRU B . 2.05 2.35 -3.13
C5 FRU B . 0.74 3.11 -2.78
C6 FRU B . 0.92 4.45 -2.00
O1 FRU B . -0.60 3.93 -6.60
O2 FRU B . 1.98 4.24 -5.32
O3 FRU B . 3.08 1.53 -5.26
O4 FRU B . 2.46 1.24 -2.34
O5 FRU B . 0.16 3.47 -4.05
O6 FRU B . -0.36 4.86 -1.41
C1 GLC C . 1.54 11.27 -10.00
C2 GLC C . 2.82 10.57 -10.54
C3 GLC C . 3.67 9.86 -9.46
C4 GLC C . 4.00 10.81 -8.30
C5 GLC C . 2.71 11.61 -7.91
C6 GLC C . 2.86 12.75 -6.90
O2 GLC C . 2.54 9.64 -11.57
O3 GLC C . 4.88 9.38 -10.05
O4 GLC C . 4.72 10.07 -7.28
O5 GLC C . 1.98 12.18 -9.03
O6 GLC C . 1.72 12.66 -6.04
C1 FRU C . -1.38 10.40 -11.02
C2 FRU C . -0.88 10.76 -9.61
C3 FRU C . -1.73 10.00 -8.56
C4 FRU C . -2.04 11.01 -7.47
C5 FRU C . -2.00 12.36 -8.19
C6 FRU C . -1.59 13.49 -7.20
O1 FRU C . -1.17 9.02 -11.27
O2 FRU C . 0.51 10.41 -9.48
O3 FRU C . -1.16 8.83 -8.01
O4 FRU C . -3.31 10.74 -6.95
O5 FRU C . -1.18 12.16 -9.36
O6 FRU C . -0.22 13.86 -7.21
C1 GLC D . 25.50 -10.70 5.25
C2 GLC D . 26.43 -11.93 5.49
C3 GLC D . 26.08 -12.97 4.43
C4 GLC D . 24.62 -13.38 4.64
C5 GLC D . 23.69 -12.14 4.45
C6 GLC D . 22.23 -12.46 4.74
O2 GLC D . 27.82 -11.62 5.41
O3 GLC D . 26.97 -14.07 4.43
O4 GLC D . 24.33 -14.48 3.80
O5 GLC D . 24.10 -11.05 5.30
O6 GLC D . 22.15 -13.33 5.85
C1 FRU D . 27.15 -8.22 4.42
C2 FRU D . 25.86 -8.77 3.81
C3 FRU D . 25.78 -8.53 2.30
C4 FRU D . 24.28 -8.61 2.04
C5 FRU D . 23.69 -7.99 3.32
C6 FRU D . 22.32 -8.52 3.70
O1 FRU D . 27.04 -6.84 4.71
O2 FRU D . 25.82 -10.19 3.96
O3 FRU D . 26.47 -9.55 1.62
O4 FRU D . 23.86 -7.87 0.92
O5 FRU D . 24.68 -8.17 4.34
O6 FRU D . 21.88 -7.70 4.75
C TRS E . 1.21 -5.00 -6.03
C1 TRS E . -0.30 -4.67 -6.18
C2 TRS E . 1.66 -5.71 -7.33
C3 TRS E . 1.51 -5.66 -4.65
N TRS E . 1.94 -3.73 -6.03
O1 TRS E . -1.09 -5.70 -6.79
O2 TRS E . 1.91 -7.10 -7.27
O3 TRS E . 2.43 -6.76 -4.63
#